data_3UTU
#
_entry.id   3UTU
#
_cell.length_a   70.77
_cell.length_b   71.35
_cell.length_c   72.39
_cell.angle_alpha   90.00
_cell.angle_beta   100.65
_cell.angle_gamma   90.00
#
_symmetry.space_group_name_H-M   'C 1 2 1'
#
loop_
_entity.id
_entity.type
_entity.pdbx_description
1 polymer 'Thrombin light chain'
2 polymer 'Thrombin heavy chain'
3 polymer 'Hirudin variant-1'
4 non-polymer (2S)-N-[(4-carbamimidoylphenyl)methyl]-1-[(2S)-2-[(3-chloro-4-methoxybenzene)sulfonamido]-3-{[(4-cyanophenyl)methyl]carbamoyl}propanoyl]pyrrolidine-2-carboxamide
5 non-polymer 'SODIUM ION'
6 water water
#
loop_
_entity_poly.entity_id
_entity_poly.type
_entity_poly.pdbx_seq_one_letter_code
_entity_poly.pdbx_strand_id
1 'polypeptide(L)' TFGSGEADCGLRPLFEKKSLEDKTERELLESYIDGR L
2 'polypeptide(L)'
;IVEGSDAEIGMSPWQVMLFRKSPQELLCGASLISDRWVLTAAHCLLYPPWDKNFTENDLLVRIGKHSRTRYERNIEKISM
LEKIYIHPRYNWRENLDRDIALMKLKKPVAFSDYIHPVCLPDRETAASLLQAGYKGRVTGWGNLKETWTANVGKGQPSVL
QVVNLPIVERPVCKDSTRIRITDNMFCAGYKPDEGKRGDACEGDSGGPFVMKSPFNNRWYQMGIVSWGEGCDRDGKYGFY
THVFRLKKWIQKVIDQFGE
;
H
3 'polypeptide(L)' GDFEEIPEE(TYS)L I
#
loop_
_chem_comp.id
_chem_comp.type
_chem_comp.name
_chem_comp.formula
1TS peptide-like (2S)-N-[(4-carbamimidoylphenyl)methyl]-1-[(2S)-2-[(3-chloro-4-methoxybenzene)sulfonamido]-3-{[(4-cyanophenyl)methyl]carbamoyl}propanoyl]pyrrolidine-2-carboxamide 'C32 H34 Cl N7 O6 S'
NA non-polymer 'SODIUM ION' 'Na 1'
#
# COMPACT_ATOMS: atom_id res chain seq x y z
N ALA A 7 -10.61 -10.97 12.66
CA ALA A 7 -10.68 -12.34 12.16
C ALA A 7 -11.28 -12.39 10.76
N ASP A 8 -11.88 -11.28 10.34
CA ASP A 8 -12.56 -11.13 9.07
C ASP A 8 -11.65 -10.40 8.07
N CYS A 9 -10.35 -10.39 8.42
CA CYS A 9 -9.46 -9.61 7.57
C CYS A 9 -9.54 -10.07 6.12
N GLY A 10 -9.34 -9.13 5.19
CA GLY A 10 -9.13 -9.55 3.82
C GLY A 10 -10.40 -9.96 3.12
N LEU A 11 -11.56 -9.85 3.76
CA LEU A 11 -12.87 -10.13 3.17
C LEU A 11 -13.66 -8.84 3.00
N ARG A 12 -13.81 -8.42 1.75
CA ARG A 12 -14.37 -7.08 1.50
C ARG A 12 -15.89 -7.05 1.61
N PRO A 13 -16.46 -6.14 2.39
CA PRO A 13 -17.93 -6.09 2.54
C PRO A 13 -18.67 -6.02 1.24
N LEU A 14 -18.13 -5.39 0.20
CA LEU A 14 -18.89 -5.09 -1.01
C LEU A 14 -18.53 -6.11 -2.10
N PHE A 15 -17.67 -7.07 -1.73
CA PHE A 15 -17.25 -8.09 -2.70
C PHE A 15 -17.30 -9.47 -2.03
N GLU A 16 -16.24 -10.03 -1.46
CA GLU A 16 -16.30 -11.38 -0.88
C GLU A 16 -17.48 -11.65 0.06
N LYS A 17 -17.76 -10.70 0.95
CA LYS A 17 -18.88 -10.84 1.89
C LYS A 17 -20.22 -10.99 1.17
N LYS A 18 -20.42 -10.46 -0.02
CA LYS A 18 -21.64 -10.65 -0.79
C LYS A 18 -21.42 -11.59 -1.98
N SER A 19 -20.30 -12.27 -2.08
CA SER A 19 -19.88 -13.06 -3.24
CA SER A 19 -19.95 -13.09 -3.24
C SER A 19 -20.04 -12.31 -4.55
N LEU A 20 -19.58 -11.06 -4.56
CA LEU A 20 -19.45 -10.36 -5.83
C LEU A 20 -17.95 -10.25 -6.17
N GLU A 21 -17.60 -10.32 -7.45
CA GLU A 21 -16.20 -10.22 -7.83
C GLU A 21 -15.96 -8.85 -8.44
N ASP A 22 -14.75 -8.34 -8.23
CA ASP A 22 -14.43 -7.07 -8.89
C ASP A 22 -14.04 -7.34 -10.34
N LYS A 23 -13.90 -6.30 -11.13
CA LYS A 23 -13.70 -6.48 -12.57
C LYS A 23 -12.36 -7.10 -12.90
N THR A 24 -11.34 -7.05 -12.04
CA THR A 24 -10.08 -7.63 -12.54
C THR A 24 -9.48 -8.65 -11.61
N GLU A 25 -10.16 -9.04 -10.54
CA GLU A 25 -9.51 -10.03 -9.67
C GLU A 25 -9.25 -11.35 -10.37
N ARG A 26 -10.01 -11.67 -11.42
CA ARG A 26 -9.78 -12.96 -12.06
C ARG A 26 -8.42 -13.05 -12.74
N GLU A 27 -7.95 -11.92 -13.26
CA GLU A 27 -6.60 -11.76 -13.77
C GLU A 27 -5.59 -12.26 -12.75
N LEU A 28 -5.79 -11.95 -11.46
CA LEU A 28 -4.86 -12.42 -10.45
C LEU A 28 -4.93 -13.94 -10.29
N LEU A 29 -6.15 -14.47 -10.21
CA LEU A 29 -6.37 -15.91 -10.07
C LEU A 29 -5.71 -16.68 -11.22
N GLU A 30 -5.89 -16.14 -12.41
CA GLU A 30 -5.40 -16.81 -13.60
C GLU A 30 -3.88 -16.90 -13.60
N SER A 31 -3.23 -15.95 -12.91
CA SER A 31 -1.77 -15.98 -12.85
C SER A 31 -1.27 -16.95 -11.80
N TYR A 32 -2.16 -17.44 -10.91
CA TYR A 32 -1.61 -18.26 -9.83
C TYR A 32 -1.51 -19.72 -10.27
N VAL B 2 0.55 4.39 -12.75
CA VAL B 2 0.52 4.20 -14.20
C VAL B 2 -0.68 4.83 -14.88
N GLU B 3 -1.21 4.19 -15.89
CA GLU B 3 -1.39 2.97 -16.60
C GLU B 3 -2.30 2.01 -15.82
N GLY B 4 -3.00 2.61 -14.88
CA GLY B 4 -3.94 1.86 -14.06
C GLY B 4 -5.38 2.24 -14.46
N SER B 5 -6.33 1.93 -13.61
CA SER B 5 -7.72 2.28 -13.83
C SER B 5 -8.36 2.83 -12.57
N ASP B 6 -9.50 3.50 -12.69
CA ASP B 6 -10.18 3.88 -11.47
C ASP B 6 -10.59 2.62 -10.71
N ALA B 7 -10.38 2.62 -9.41
CA ALA B 7 -10.88 1.52 -8.58
C ALA B 7 -12.39 1.48 -8.56
N GLU B 8 -12.97 0.36 -8.17
CA GLU B 8 -14.39 0.28 -7.94
C GLU B 8 -14.66 0.72 -6.51
N ILE B 9 -15.89 1.15 -6.22
CA ILE B 9 -16.18 1.48 -4.84
C ILE B 9 -16.02 0.29 -3.92
N GLY B 10 -15.33 0.44 -2.79
CA GLY B 10 -15.09 -0.63 -1.85
C GLY B 10 -14.14 -1.71 -2.31
N MET B 11 -13.42 -1.46 -3.40
CA MET B 11 -12.49 -2.44 -3.95
C MET B 11 -11.26 -2.63 -3.08
N SER B 12 -10.86 -1.60 -2.37
CA SER B 12 -9.67 -1.63 -1.51
CA SER B 12 -9.67 -1.63 -1.51
C SER B 12 -9.97 -0.97 -0.17
N PRO B 13 -10.80 -1.60 0.63
CA PRO B 13 -11.32 -0.95 1.84
C PRO B 13 -10.26 -0.80 2.93
N TRP B 14 -9.07 -1.37 2.71
CA TRP B 14 -7.92 -1.23 3.61
C TRP B 14 -7.01 -0.06 3.18
N GLN B 15 -7.26 0.60 2.07
CA GLN B 15 -6.43 1.70 1.57
C GLN B 15 -6.57 2.92 2.50
N VAL B 16 -5.40 3.47 2.82
CA VAL B 16 -5.34 4.62 3.72
C VAL B 16 -4.57 5.73 3.00
N MET B 17 -5.03 6.96 3.24
CA MET B 17 -4.30 8.13 2.74
C MET B 17 -3.68 8.80 3.96
N LEU B 18 -2.36 8.98 3.92
CA LEU B 18 -1.63 9.77 4.89
C LEU B 18 -1.74 11.24 4.51
N PHE B 19 -2.34 12.04 5.40
CA PHE B 19 -2.62 13.40 4.93
C PHE B 19 -1.86 14.46 5.72
N ARG B 20 -1.26 15.40 5.01
CA ARG B 20 -0.53 16.48 5.67
C ARG B 20 -1.50 17.61 6.06
N LYS B 21 -1.49 17.94 7.33
CA LYS B 21 -2.28 18.90 8.06
C LYS B 21 -2.11 20.34 7.64
N SER B 22 -0.88 20.79 7.40
CA SER B 22 -0.64 22.15 6.92
C SER B 22 0.69 22.25 6.20
N PRO B 23 0.68 22.44 4.88
CA PRO B 23 -0.57 22.59 4.12
C PRO B 23 -1.19 21.24 3.79
N GLN B 24 -2.50 21.29 3.53
CA GLN B 24 -3.29 20.12 3.20
C GLN B 24 -2.84 19.57 1.84
N GLU B 25 -2.44 18.31 1.87
CA GLU B 25 -2.05 17.57 0.68
C GLU B 25 -1.73 16.11 0.99
N LEU B 26 -1.86 15.25 -0.01
CA LEU B 26 -1.49 13.84 0.11
C LEU B 26 -0.01 13.76 0.48
N LEU B 27 0.35 12.89 1.39
CA LEU B 27 1.72 12.61 1.77
C LEU B 27 2.11 11.24 1.23
N CYS B 28 1.20 10.27 1.34
CA CYS B 28 1.57 8.90 1.02
C CYS B 28 0.34 8.01 1.10
N GLY B 29 0.48 6.79 0.63
CA GLY B 29 -0.53 5.76 0.87
C GLY B 29 -0.13 5.00 2.13
N ALA B 30 -0.99 4.07 2.53
CA ALA B 30 -0.88 3.26 3.69
C ALA B 30 -2.02 2.24 3.68
N SER B 31 -2.00 1.39 4.71
CA SER B 31 -3.04 0.37 4.75
C SER B 31 -3.48 0.09 6.18
N LEU B 32 -4.74 -0.31 6.32
CA LEU B 32 -5.33 -0.65 7.60
C LEU B 32 -5.15 -2.12 7.88
N ILE B 33 -4.50 -2.46 9.00
CA ILE B 33 -4.29 -3.86 9.31
C ILE B 33 -5.05 -4.28 10.57
N SER B 34 -5.63 -3.30 11.27
CA SER B 34 -6.51 -3.63 12.39
C SER B 34 -7.32 -2.39 12.72
N ASP B 35 -8.10 -2.46 13.81
CA ASP B 35 -8.91 -1.24 13.97
C ASP B 35 -8.11 -0.08 14.52
N ARG B 36 -6.85 -0.34 14.88
CA ARG B 36 -6.06 0.77 15.40
C ARG B 36 -4.67 0.80 14.80
N TRP B 37 -4.35 -0.03 13.79
CA TRP B 37 -2.96 0.04 13.31
C TRP B 37 -2.93 0.23 11.79
N VAL B 38 -2.05 1.10 11.32
CA VAL B 38 -1.91 1.43 9.90
C VAL B 38 -0.45 1.14 9.53
N LEU B 39 -0.24 0.54 8.38
CA LEU B 39 1.10 0.14 7.90
C LEU B 39 1.49 1.08 6.79
N THR B 40 2.74 1.57 6.77
CA THR B 40 3.15 2.36 5.63
C THR B 40 4.66 2.15 5.33
N ALA B 41 5.20 3.00 4.48
CA ALA B 41 6.62 2.98 4.19
C ALA B 41 7.39 3.91 5.14
N ALA B 42 8.53 3.50 5.63
CA ALA B 42 9.28 4.44 6.52
C ALA B 42 9.64 5.73 5.81
N HIS B 43 9.95 5.73 4.52
CA HIS B 43 10.41 6.94 3.84
C HIS B 43 9.29 7.97 3.73
N CYS B 44 8.05 7.54 3.96
CA CYS B 44 6.95 8.47 3.99
C CYS B 44 7.05 9.41 5.17
N LEU B 45 7.72 8.93 6.20
CA LEU B 45 7.79 9.57 7.50
C LEU B 45 9.21 10.11 7.76
N LEU B 46 10.24 9.44 7.27
CA LEU B 46 11.63 9.84 7.61
C LEU B 46 12.53 9.67 6.40
N TYR B 47 13.07 10.76 5.86
CA TYR B 47 13.98 10.70 4.73
C TYR B 47 14.89 11.95 4.83
N PRO B 48 15.89 11.79 5.69
CA PRO B 48 16.83 12.90 5.89
C PRO B 48 17.39 13.51 4.63
N PRO B 49 17.73 12.89 3.52
CA PRO B 49 18.22 13.67 2.38
C PRO B 49 17.30 14.76 1.87
N TRP B 50 16.02 14.67 2.16
CA TRP B 50 15.01 15.61 1.71
C TRP B 50 14.45 16.42 2.86
N ASP B 51 15.09 16.31 4.02
CA ASP B 51 14.65 17.01 5.21
C ASP B 51 13.26 16.57 5.63
N LYS B 52 12.97 15.30 5.36
CA LYS B 52 11.67 14.77 5.79
C LYS B 52 11.80 14.05 7.13
N ASN B 53 11.02 14.52 8.10
CA ASN B 53 10.99 13.93 9.41
C ASN B 53 9.65 14.20 10.09
N PHE B 54 8.56 13.55 9.69
CA PHE B 54 7.33 13.96 10.38
C PHE B 54 7.16 13.34 11.75
N THR B 55 6.43 14.06 12.60
CA THR B 55 6.00 13.45 13.85
C THR B 55 4.48 13.28 13.86
N GLU B 56 3.97 12.59 14.87
CA GLU B 56 2.55 12.28 14.98
C GLU B 56 1.66 13.49 14.67
N ASN B 57 1.89 14.60 15.36
CA ASN B 57 1.00 15.75 15.29
C ASN B 57 0.99 16.44 13.95
N ASP B 58 1.92 16.09 13.07
CA ASP B 58 2.06 16.65 11.74
C ASP B 58 1.04 16.06 10.76
N LEU B 59 0.35 14.99 11.13
CA LEU B 59 -0.51 14.46 10.06
C LEU B 59 -1.83 13.83 10.54
N LEU B 60 -2.55 13.35 9.51
CA LEU B 60 -3.81 12.66 9.65
C LEU B 60 -3.84 11.41 8.76
N VAL B 61 -4.65 10.44 9.17
CA VAL B 61 -4.92 9.21 8.42
C VAL B 61 -6.35 9.25 7.89
N ARG B 62 -6.56 9.22 6.58
CA ARG B 62 -7.94 9.27 6.08
C ARG B 62 -8.30 7.91 5.45
N ILE B 63 -9.32 7.26 6.02
CA ILE B 63 -9.63 5.88 5.70
CA ILE B 63 -9.58 5.88 5.62
C ILE B 63 -11.00 5.76 5.06
N GLY B 64 -11.16 4.85 4.12
CA GLY B 64 -12.48 4.71 3.49
C GLY B 64 -12.62 5.62 2.31
N LYS B 65 -11.51 6.17 1.78
CA LYS B 65 -11.63 7.13 0.70
C LYS B 65 -11.66 6.51 -0.68
N HIS B 66 -12.10 7.32 -1.64
CA HIS B 66 -12.13 6.97 -3.04
C HIS B 66 -11.65 8.14 -3.89
N SER B 67 -12.27 9.29 -3.58
CA SER B 67 -11.85 10.50 -4.27
C SER B 67 -10.53 10.97 -3.68
N ARG B 68 -9.70 11.55 -4.51
CA ARG B 68 -8.41 12.08 -4.03
C ARG B 68 -8.63 13.32 -3.19
N THR B 69 -9.31 14.33 -3.75
CA THR B 69 -9.32 15.63 -3.08
C THR B 69 -10.54 15.89 -2.21
N ARG B 70 -11.64 15.21 -2.49
CA ARG B 70 -12.92 15.55 -1.89
C ARG B 70 -13.00 15.21 -0.42
N TYR B 71 -13.76 16.04 0.30
CA TYR B 71 -14.09 15.61 1.65
C TYR B 71 -15.28 14.65 1.54
N GLU B 72 -15.07 13.37 1.82
CA GLU B 72 -16.14 12.38 1.54
C GLU B 72 -16.97 12.16 2.77
N ARG B 73 -17.93 13.11 2.83
CA ARG B 73 -18.76 13.16 4.02
C ARG B 73 -19.60 11.90 4.18
N ASN B 74 -19.68 11.40 5.39
CA ASN B 74 -20.49 10.25 5.73
C ASN B 74 -19.85 8.93 5.31
N ILE B 75 -18.70 9.05 4.67
CA ILE B 75 -18.02 7.84 4.18
C ILE B 75 -16.61 7.68 4.75
N GLU B 76 -15.72 8.64 4.53
CA GLU B 76 -14.37 8.47 5.08
C GLU B 76 -14.36 8.70 6.58
N LYS B 77 -13.34 8.19 7.26
CA LYS B 77 -13.06 8.47 8.65
C LYS B 77 -11.68 9.13 8.74
N ILE B 78 -11.51 10.11 9.61
CA ILE B 78 -10.21 10.79 9.73
C ILE B 78 -9.67 10.52 11.12
N SER B 79 -8.47 9.94 11.21
CA SER B 79 -7.91 9.52 12.48
C SER B 79 -6.64 10.27 12.87
N MET B 80 -6.41 10.37 14.17
CA MET B 80 -5.19 11.00 14.66
C MET B 80 -4.15 9.96 15.05
N LEU B 81 -2.88 10.42 15.00
CA LEU B 81 -1.82 9.49 15.31
C LEU B 81 -1.49 9.51 16.80
N GLU B 82 -1.55 8.33 17.38
CA GLU B 82 -1.04 8.13 18.73
C GLU B 82 0.48 8.12 18.66
N LYS B 83 1.00 7.21 17.84
CA LYS B 83 2.45 7.04 17.82
C LYS B 83 2.96 6.33 16.57
N ILE B 84 4.14 6.74 16.16
CA ILE B 84 4.81 6.22 14.99
C ILE B 84 5.99 5.34 15.40
N TYR B 85 6.14 4.23 14.69
CA TYR B 85 7.23 3.29 14.89
C TYR B 85 7.94 3.02 13.57
N ILE B 86 9.21 3.39 13.51
CA ILE B 86 9.93 3.06 12.26
C ILE B 86 10.86 1.90 12.52
N HIS B 87 11.04 1.05 11.51
CA HIS B 87 12.00 -0.04 11.66
C HIS B 87 13.33 0.51 12.11
N PRO B 88 13.91 -0.06 13.17
CA PRO B 88 15.18 0.46 13.70
C PRO B 88 16.34 0.22 12.76
N ARG B 89 16.23 -0.64 11.78
CA ARG B 89 17.29 -0.86 10.79
C ARG B 89 16.83 -0.45 9.40
N TYR B 90 15.84 0.43 9.31
CA TYR B 90 15.51 1.08 8.05
C TYR B 90 16.72 1.78 7.44
N ASN B 91 17.09 1.45 6.21
CA ASN B 91 18.31 1.95 5.59
C ASN B 91 18.03 3.03 4.57
N TRP B 92 17.83 4.24 5.11
CA TRP B 92 17.58 5.38 4.26
C TRP B 92 18.85 5.90 3.59
N ARG B 93 20.02 5.42 4.03
CA ARG B 93 21.22 5.99 3.40
C ARG B 93 21.56 5.31 2.10
N GLU B 94 21.30 4.01 1.98
CA GLU B 94 21.71 3.31 0.76
C GLU B 94 20.62 2.88 -0.18
N ASN B 95 19.63 2.14 0.33
CA ASN B 95 18.75 1.45 -0.61
C ASN B 95 17.34 1.26 -0.09
N LEU B 96 16.96 1.99 0.94
CA LEU B 96 15.64 1.86 1.55
C LEU B 96 15.39 0.46 2.07
N ASP B 97 16.42 -0.26 2.48
CA ASP B 97 16.16 -1.60 3.04
C ASP B 97 15.29 -1.51 4.27
N ARG B 98 14.33 -2.40 4.41
CA ARG B 98 13.41 -2.40 5.53
C ARG B 98 12.60 -1.11 5.59
N ASP B 99 12.03 -0.75 4.45
CA ASP B 99 11.23 0.46 4.30
C ASP B 99 9.82 0.23 4.83
N ILE B 100 9.70 0.32 6.16
CA ILE B 100 8.43 -0.07 6.78
C ILE B 100 8.23 0.73 8.05
N ALA B 101 7.00 1.14 8.34
CA ALA B 101 6.67 1.85 9.57
C ALA B 101 5.26 1.45 9.99
N LEU B 102 4.99 1.50 11.28
CA LEU B 102 3.62 1.35 11.76
C LEU B 102 3.13 2.62 12.42
N MET B 103 1.82 2.78 12.38
CA MET B 103 1.26 3.97 13.03
C MET B 103 0.09 3.52 13.90
N LYS B 104 0.12 3.86 15.18
CA LYS B 104 -0.99 3.54 16.07
C LYS B 104 -1.99 4.70 16.11
N LEU B 105 -3.29 4.39 15.97
CA LEU B 105 -4.30 5.44 15.98
C LEU B 105 -4.70 5.81 17.42
N LYS B 106 -5.14 7.04 17.58
CA LYS B 106 -5.62 7.60 18.83
C LYS B 106 -6.85 6.86 19.37
N LYS B 107 -7.76 6.55 18.47
CA LYS B 107 -8.94 5.76 18.85
C LYS B 107 -9.26 4.76 17.73
N PRO B 108 -9.94 3.67 18.06
CA PRO B 108 -10.19 2.62 17.07
C PRO B 108 -11.06 3.11 15.93
N VAL B 109 -10.84 2.55 14.72
CA VAL B 109 -11.67 3.05 13.62
C VAL B 109 -12.89 2.13 13.43
N ALA B 110 -14.03 2.72 13.04
CA ALA B 110 -15.20 1.86 12.91
C ALA B 110 -15.22 1.30 11.48
N PHE B 111 -15.39 0.00 11.44
CA PHE B 111 -15.43 -0.67 10.14
C PHE B 111 -16.77 -0.39 9.47
N SER B 112 -16.76 -0.42 8.15
CA SER B 112 -17.92 -0.14 7.34
C SER B 112 -17.82 -0.86 6.01
N ASP B 113 -18.73 -0.58 5.10
CA ASP B 113 -18.61 -1.11 3.75
C ASP B 113 -17.32 -0.64 3.08
N TYR B 114 -16.77 0.48 3.54
CA TYR B 114 -15.68 1.12 2.82
C TYR B 114 -14.34 1.07 3.57
N ILE B 115 -14.40 0.52 4.76
CA ILE B 115 -13.32 0.46 5.71
C ILE B 115 -13.24 -0.91 6.36
N HIS B 116 -12.09 -1.56 6.08
CA HIS B 116 -11.92 -2.94 6.53
C HIS B 116 -10.47 -3.35 6.42
N PRO B 117 -9.91 -4.03 7.37
CA PRO B 117 -8.47 -4.38 7.34
C PRO B 117 -8.12 -5.49 6.36
N VAL B 118 -6.90 -5.38 5.85
CA VAL B 118 -6.29 -6.42 5.01
C VAL B 118 -5.57 -7.45 5.89
N CYS B 119 -5.36 -8.67 5.41
CA CYS B 119 -4.59 -9.62 6.20
C CYS B 119 -3.08 -9.46 6.01
N LEU B 120 -2.31 -9.89 7.02
CA LEU B 120 -0.85 -9.89 6.80
C LEU B 120 -0.47 -11.34 6.55
N PRO B 121 0.45 -11.62 5.65
CA PRO B 121 0.76 -13.00 5.33
C PRO B 121 1.47 -13.77 6.45
N ASP B 122 1.22 -15.06 6.45
CA ASP B 122 1.97 -15.96 7.32
C ASP B 122 2.98 -16.64 6.42
N ARG B 123 3.92 -17.38 7.02
CA ARG B 123 4.98 -17.94 6.17
C ARG B 123 4.45 -18.79 5.05
N GLU B 124 3.39 -19.60 5.24
CA GLU B 124 3.00 -20.49 4.12
C GLU B 124 2.27 -19.74 3.02
N THR B 125 1.44 -18.76 3.40
CA THR B 125 0.82 -17.97 2.32
C THR B 125 1.92 -17.22 1.57
N ALA B 126 2.96 -16.71 2.22
CA ALA B 126 4.04 -16.05 1.49
C ALA B 126 4.78 -16.97 0.56
N ALA B 127 5.03 -18.17 1.05
CA ALA B 127 5.70 -19.14 0.18
C ALA B 127 4.83 -19.43 -1.03
N SER B 128 3.53 -19.65 -0.75
CA SER B 128 2.62 -19.99 -1.83
C SER B 128 2.41 -18.93 -2.90
N LEU B 129 2.39 -17.67 -2.48
CA LEU B 129 1.97 -16.57 -3.35
C LEU B 129 3.10 -15.76 -3.96
N LEU B 130 4.23 -15.62 -3.25
CA LEU B 130 5.36 -14.80 -3.72
C LEU B 130 6.22 -15.56 -4.73
N GLN B 131 5.69 -15.81 -5.91
CA GLN B 131 6.31 -16.49 -7.04
C GLN B 131 6.35 -15.62 -8.28
N ALA B 132 7.50 -15.60 -8.94
CA ALA B 132 7.65 -14.93 -10.22
C ALA B 132 6.47 -15.28 -11.13
N GLY B 133 5.86 -14.30 -11.76
CA GLY B 133 4.73 -14.42 -12.65
C GLY B 133 3.38 -14.33 -11.95
N TYR B 134 3.33 -14.58 -10.65
CA TYR B 134 2.07 -14.38 -9.92
C TYR B 134 1.76 -12.89 -9.83
N LYS B 135 0.53 -12.48 -10.08
CA LYS B 135 0.19 -11.05 -10.06
C LYS B 135 -0.38 -10.62 -8.72
N GLY B 136 0.00 -9.40 -8.35
CA GLY B 136 -0.55 -8.72 -7.19
C GLY B 136 -1.17 -7.42 -7.69
N ARG B 137 -1.71 -6.62 -6.79
CA ARG B 137 -2.43 -5.40 -7.18
C ARG B 137 -1.95 -4.21 -6.36
N VAL B 138 -1.67 -3.08 -7.00
CA VAL B 138 -1.30 -1.97 -6.08
C VAL B 138 -2.25 -0.82 -6.31
N THR B 139 -2.46 0.03 -5.34
CA THR B 139 -3.51 1.04 -5.36
C THR B 139 -2.92 2.33 -4.82
N GLY B 140 -3.39 3.47 -5.31
CA GLY B 140 -2.89 4.72 -4.74
C GLY B 140 -3.45 5.95 -5.43
N TRP B 141 -3.21 7.10 -4.80
CA TRP B 141 -3.65 8.38 -5.35
C TRP B 141 -2.47 9.16 -5.90
N GLY B 142 -1.40 8.46 -6.29
CA GLY B 142 -0.19 9.09 -6.79
C GLY B 142 -0.21 9.47 -8.26
N ASN B 143 0.92 10.07 -8.68
CA ASN B 143 1.09 10.48 -10.07
C ASN B 143 0.62 9.46 -11.08
N LEU B 144 0.02 10.01 -12.13
CA LEU B 144 -0.47 9.19 -13.23
C LEU B 144 0.63 8.99 -14.26
N LYS B 145 1.65 9.84 -14.08
CA LYS B 145 2.78 9.73 -15.01
C LYS B 145 4.02 10.25 -14.28
N GLU B 146 5.16 9.75 -14.71
CA GLU B 146 6.44 10.04 -14.09
C GLU B 146 6.69 11.54 -13.92
N GLY B 155 -0.95 13.78 -14.65
CA GLY B 155 -1.23 14.61 -13.49
C GLY B 155 -1.49 13.75 -12.25
N GLN B 156 -2.42 14.20 -11.43
CA GLN B 156 -3.01 13.65 -10.24
C GLN B 156 -4.41 13.13 -10.53
N PRO B 157 -4.76 11.93 -10.05
CA PRO B 157 -6.09 11.37 -10.36
C PRO B 157 -7.22 11.96 -9.55
N SER B 158 -8.44 11.77 -10.12
CA SER B 158 -9.62 12.22 -9.40
C SER B 158 -10.05 11.21 -8.34
N VAL B 159 -9.85 9.91 -8.63
CA VAL B 159 -10.16 8.89 -7.62
C VAL B 159 -9.05 7.84 -7.54
N LEU B 160 -9.11 7.02 -6.51
CA LEU B 160 -8.18 5.93 -6.30
C LEU B 160 -7.90 5.12 -7.57
N GLN B 161 -6.63 4.84 -7.88
CA GLN B 161 -6.21 4.05 -9.04
C GLN B 161 -5.71 2.67 -8.64
N VAL B 162 -5.85 1.67 -9.50
CA VAL B 162 -5.53 0.27 -9.28
CA VAL B 162 -5.46 0.29 -9.26
C VAL B 162 -4.78 -0.28 -10.49
N VAL B 163 -3.77 -1.12 -10.33
CA VAL B 163 -3.11 -1.85 -11.40
C VAL B 163 -2.72 -3.25 -10.90
N ASN B 164 -2.89 -4.24 -11.76
CA ASN B 164 -2.37 -5.58 -11.47
C ASN B 164 -1.04 -5.74 -12.20
N LEU B 165 -0.09 -6.28 -11.48
CA LEU B 165 1.31 -6.40 -11.89
C LEU B 165 1.88 -7.73 -11.40
N PRO B 166 2.62 -8.39 -12.29
CA PRO B 166 3.30 -9.62 -11.94
C PRO B 166 4.64 -9.49 -11.22
N ILE B 167 4.86 -10.34 -10.23
CA ILE B 167 6.10 -10.38 -9.47
C ILE B 167 7.21 -10.74 -10.48
N VAL B 168 8.40 -10.20 -10.32
CA VAL B 168 9.49 -10.43 -11.29
C VAL B 168 10.56 -11.27 -10.64
N GLU B 169 11.22 -12.16 -11.39
CA GLU B 169 12.27 -12.98 -10.77
C GLU B 169 13.37 -12.08 -10.19
N ARG B 170 13.96 -12.48 -9.07
CA ARG B 170 14.96 -11.66 -8.39
C ARG B 170 16.16 -11.36 -9.26
N PRO B 171 16.72 -12.30 -10.00
CA PRO B 171 17.73 -11.94 -11.00
C PRO B 171 17.34 -10.78 -11.92
N VAL B 172 16.17 -10.79 -12.53
CA VAL B 172 15.78 -9.73 -13.45
C VAL B 172 15.70 -8.40 -12.69
N CYS B 173 15.20 -8.45 -11.45
CA CYS B 173 15.10 -7.25 -10.61
C CYS B 173 16.49 -6.66 -10.40
N LYS B 174 17.44 -7.54 -10.07
CA LYS B 174 18.80 -7.10 -9.78
C LYS B 174 19.48 -6.52 -11.03
N ASP B 175 19.29 -7.20 -12.15
CA ASP B 175 19.91 -6.73 -13.40
C ASP B 175 19.28 -5.48 -13.94
N SER B 176 18.17 -5.01 -13.35
CA SER B 176 17.50 -3.86 -13.91
C SER B 176 17.99 -2.56 -13.27
N THR B 177 18.82 -2.66 -12.24
CA THR B 177 19.20 -1.51 -11.44
C THR B 177 20.65 -1.58 -10.99
N ARG B 178 21.21 -0.41 -10.67
CA ARG B 178 22.51 -0.44 -10.02
C ARG B 178 22.34 -0.46 -8.49
N ILE B 179 21.13 -0.27 -7.94
CA ILE B 179 20.94 -0.37 -6.50
C ILE B 179 21.10 -1.79 -5.97
N ARG B 180 21.67 -1.86 -4.76
CA ARG B 180 21.86 -3.12 -4.05
C ARG B 180 20.49 -3.59 -3.51
N ILE B 181 19.96 -4.63 -4.16
CA ILE B 181 18.64 -5.15 -3.69
C ILE B 181 18.83 -6.15 -2.58
N THR B 182 17.87 -6.22 -1.65
CA THR B 182 18.01 -7.13 -0.53
C THR B 182 16.83 -8.11 -0.53
N ASP B 183 16.93 -9.08 0.38
CA ASP B 183 15.91 -10.08 0.62
C ASP B 183 14.65 -9.42 1.20
N ASN B 184 14.75 -8.17 1.66
CA ASN B 184 13.59 -7.49 2.25
C ASN B 184 12.82 -6.69 1.22
N MET B 185 13.12 -6.89 -0.06
CA MET B 185 12.41 -6.27 -1.15
C MET B 185 12.10 -7.31 -2.23
N PHE B 186 11.07 -6.98 -2.99
CA PHE B 186 10.82 -7.70 -4.22
C PHE B 186 10.43 -6.69 -5.29
N CYS B 187 10.44 -7.10 -6.56
CA CYS B 187 10.04 -6.12 -7.58
C CYS B 187 8.91 -6.69 -8.42
N ALA B 188 8.15 -5.83 -9.06
CA ALA B 188 6.98 -6.26 -9.83
C ALA B 188 6.78 -5.35 -11.04
N GLY B 189 6.14 -5.86 -12.10
CA GLY B 189 5.94 -5.07 -13.31
C GLY B 189 6.16 -5.93 -14.55
N TYR B 190 5.70 -5.38 -15.67
CA TYR B 190 5.84 -6.09 -16.94
C TYR B 190 7.21 -5.84 -17.56
N LYS B 191 7.72 -6.85 -18.25
CA LYS B 191 8.94 -6.76 -19.04
C LYS B 191 8.60 -6.07 -20.36
N PRO B 192 9.62 -5.47 -20.96
CA PRO B 192 9.51 -4.82 -22.26
C PRO B 192 8.72 -5.62 -23.28
N ASP B 193 9.08 -6.90 -23.33
CA ASP B 193 8.54 -7.79 -24.35
C ASP B 193 7.13 -8.25 -24.03
N GLU B 194 6.69 -8.05 -22.78
CA GLU B 194 5.38 -8.58 -22.39
C GLU B 194 4.23 -7.71 -22.88
N GLY B 195 4.56 -6.57 -23.47
CA GLY B 195 3.59 -5.67 -24.03
C GLY B 195 2.97 -4.74 -23.00
N LYS B 196 2.07 -5.27 -22.18
CA LYS B 196 1.32 -4.44 -21.23
C LYS B 196 2.25 -3.72 -20.27
N ARG B 197 1.73 -2.71 -19.57
CA ARG B 197 2.58 -1.98 -18.64
C ARG B 197 1.85 -1.50 -17.39
N GLY B 198 2.46 -0.54 -16.69
CA GLY B 198 1.89 -0.03 -15.47
C GLY B 198 2.85 -0.07 -14.29
N ASP B 199 2.65 0.82 -13.32
CA ASP B 199 3.56 0.93 -12.21
C ASP B 199 2.96 1.83 -11.14
N ALA B 200 3.59 1.76 -9.96
CA ALA B 200 3.29 2.72 -8.94
C ALA B 200 4.13 3.96 -9.28
N CYS B 201 3.92 5.03 -8.57
CA CYS B 201 4.72 6.23 -8.86
C CYS B 201 4.77 7.08 -7.60
N GLU B 202 5.43 8.23 -7.68
CA GLU B 202 5.44 9.15 -6.56
C GLU B 202 4.04 9.39 -6.03
N GLY B 203 3.84 9.38 -4.72
CA GLY B 203 2.46 9.53 -4.26
C GLY B 203 1.84 8.20 -3.88
N ASP B 204 2.19 7.12 -4.58
CA ASP B 204 1.71 5.80 -4.18
C ASP B 204 2.51 5.18 -3.06
N SER B 205 3.68 5.72 -2.76
CA SER B 205 4.54 5.30 -1.69
C SER B 205 3.77 4.86 -0.44
N GLY B 206 4.13 3.80 0.23
CA GLY B 206 3.55 3.36 1.49
C GLY B 206 2.23 2.59 1.36
N GLY B 207 1.64 2.60 0.16
CA GLY B 207 0.45 1.82 -0.13
C GLY B 207 0.73 0.37 -0.37
N PRO B 208 -0.34 -0.43 -0.39
CA PRO B 208 -0.21 -1.88 -0.42
C PRO B 208 -0.15 -2.51 -1.80
N PHE B 209 0.66 -3.56 -1.85
CA PHE B 209 0.68 -4.54 -2.95
C PHE B 209 -0.05 -5.74 -2.36
N VAL B 210 -1.22 -6.07 -2.90
CA VAL B 210 -1.99 -7.17 -2.31
C VAL B 210 -2.18 -8.33 -3.28
N MET B 211 -2.46 -9.49 -2.67
CA MET B 211 -2.79 -10.67 -3.50
C MET B 211 -3.97 -11.43 -2.90
N LYS B 212 -4.80 -12.05 -3.74
CA LYS B 212 -5.98 -12.77 -3.27
C LYS B 212 -5.64 -14.24 -3.24
N SER B 213 -5.57 -14.75 -2.00
CA SER B 213 -5.25 -16.15 -1.84
C SER B 213 -6.36 -16.99 -2.48
N PRO B 214 -5.91 -17.92 -3.33
CA PRO B 214 -6.84 -18.88 -3.93
C PRO B 214 -7.25 -19.97 -2.98
N PHE B 215 -6.61 -20.02 -1.81
CA PHE B 215 -6.90 -21.11 -0.87
C PHE B 215 -8.04 -20.74 0.06
N ASN B 216 -8.05 -19.49 0.55
CA ASN B 216 -9.13 -19.05 1.43
C ASN B 216 -9.88 -17.80 0.94
N ASN B 217 -9.56 -17.35 -0.27
CA ASN B 217 -10.21 -16.20 -0.87
C ASN B 217 -10.10 -14.93 -0.05
N ARG B 218 -9.02 -14.80 0.73
CA ARG B 218 -8.70 -13.60 1.45
C ARG B 218 -7.58 -12.77 0.79
N TRP B 219 -7.70 -11.46 0.92
CA TRP B 219 -6.66 -10.57 0.42
C TRP B 219 -5.58 -10.42 1.48
N TYR B 220 -4.33 -10.60 1.03
CA TYR B 220 -3.16 -10.40 1.85
C TYR B 220 -2.24 -9.29 1.33
N GLN B 221 -1.68 -8.52 2.28
CA GLN B 221 -0.73 -7.49 1.85
C GLN B 221 0.67 -8.08 1.87
N MET B 222 1.20 -8.30 0.67
CA MET B 222 2.51 -8.90 0.52
C MET B 222 3.58 -7.81 0.42
N GLY B 223 3.24 -6.61 -0.05
CA GLY B 223 4.30 -5.60 -0.27
C GLY B 223 3.81 -4.23 0.15
N ILE B 224 4.81 -3.35 0.29
CA ILE B 224 4.54 -1.93 0.49
C ILE B 224 5.23 -1.17 -0.64
N VAL B 225 4.53 -0.23 -1.25
CA VAL B 225 5.17 0.55 -2.31
C VAL B 225 6.39 1.29 -1.77
N SER B 226 7.57 0.99 -2.33
CA SER B 226 8.80 1.57 -1.77
C SER B 226 9.54 2.49 -2.71
N TRP B 227 10.01 2.02 -3.86
CA TRP B 227 10.84 2.88 -4.71
C TRP B 227 10.87 2.40 -6.15
N GLY B 228 11.40 3.28 -7.00
CA GLY B 228 11.55 2.94 -8.41
C GLY B 228 12.40 4.05 -9.07
N GLU B 229 12.97 3.67 -10.18
CA GLU B 229 13.80 4.55 -11.02
C GLU B 229 12.86 5.13 -12.06
N GLY B 230 12.28 6.29 -11.76
CA GLY B 230 11.21 6.82 -12.57
C GLY B 230 9.93 6.00 -12.39
N CYS B 231 8.97 6.12 -13.29
CA CYS B 231 7.72 5.38 -13.21
C CYS B 231 7.36 4.77 -14.55
N ASP B 232 7.12 3.47 -14.57
CA ASP B 232 6.66 2.74 -15.75
C ASP B 232 7.65 3.02 -16.89
N ARG B 233 8.94 2.99 -16.58
CA ARG B 233 9.89 3.02 -17.68
C ARG B 233 10.15 1.59 -18.14
N ASP B 234 10.35 1.42 -19.45
CA ASP B 234 10.77 0.15 -20.00
C ASP B 234 12.04 -0.34 -19.36
N GLY B 235 12.06 -1.64 -19.06
CA GLY B 235 13.19 -2.26 -18.44
C GLY B 235 13.43 -1.90 -16.98
N LYS B 236 12.62 -1.07 -16.33
CA LYS B 236 12.71 -0.77 -14.90
C LYS B 236 11.55 -1.45 -14.19
N TYR B 237 11.65 -1.62 -12.87
CA TYR B 237 10.57 -2.29 -12.13
C TYR B 237 10.26 -1.50 -10.87
N GLY B 238 9.05 -1.73 -10.36
CA GLY B 238 8.71 -1.11 -9.08
C GLY B 238 9.19 -2.06 -7.98
N PHE B 239 9.74 -1.50 -6.90
CA PHE B 239 10.26 -2.24 -5.76
C PHE B 239 9.35 -2.02 -4.55
N TYR B 240 9.17 -3.11 -3.82
CA TYR B 240 8.22 -3.23 -2.73
C TYR B 240 8.90 -3.82 -1.51
N THR B 241 8.58 -3.28 -0.33
CA THR B 241 8.99 -3.91 0.90
C THR B 241 8.33 -5.25 1.05
N HIS B 242 9.11 -6.26 1.44
CA HIS B 242 8.65 -7.62 1.65
C HIS B 242 8.03 -7.76 3.02
N VAL B 243 6.70 -7.64 3.08
CA VAL B 243 6.04 -7.58 4.38
C VAL B 243 6.32 -8.82 5.19
N PHE B 244 6.28 -10.02 4.61
CA PHE B 244 6.46 -11.23 5.42
C PHE B 244 7.83 -11.23 6.09
N ARG B 245 8.84 -10.80 5.32
CA ARG B 245 10.20 -10.79 5.86
C ARG B 245 10.33 -9.88 7.06
N LEU B 246 9.42 -8.92 7.24
CA LEU B 246 9.54 -7.99 8.34
C LEU B 246 8.45 -8.21 9.37
N LYS B 247 7.75 -9.34 9.26
CA LYS B 247 6.63 -9.59 10.14
C LYS B 247 7.04 -9.76 11.59
N LYS B 248 8.26 -10.27 11.78
CA LYS B 248 8.72 -10.48 13.16
C LYS B 248 8.68 -9.16 13.91
N TRP B 249 9.17 -8.11 13.24
CA TRP B 249 9.19 -6.77 13.79
C TRP B 249 7.79 -6.19 13.93
N ILE B 250 6.94 -6.48 12.94
CA ILE B 250 5.58 -5.99 13.04
C ILE B 250 4.90 -6.53 14.30
N GLN B 251 5.07 -7.81 14.55
CA GLN B 251 4.36 -8.45 15.66
C GLN B 251 4.85 -7.93 17.01
N LYS B 252 6.16 -7.76 17.08
CA LYS B 252 6.81 -7.30 18.30
C LYS B 252 6.25 -5.92 18.61
N VAL B 253 6.10 -5.09 17.56
CA VAL B 253 5.61 -3.74 17.83
C VAL B 253 4.20 -3.77 18.38
N ILE B 254 3.38 -4.56 17.70
CA ILE B 254 1.97 -4.65 18.10
C ILE B 254 1.85 -5.36 19.44
N ASP B 255 2.61 -6.44 19.63
CA ASP B 255 2.65 -7.12 20.93
C ASP B 255 2.87 -6.14 22.08
N GLN B 256 4.03 -5.52 22.07
CA GLN B 256 4.51 -4.64 23.15
C GLN B 256 3.84 -3.28 23.19
N PHE B 257 3.33 -2.74 22.09
CA PHE B 257 2.79 -1.38 22.14
C PHE B 257 1.28 -1.33 21.95
N GLY B 258 0.60 -2.47 21.81
CA GLY B 258 -0.84 -2.41 21.67
C GLY B 258 -1.38 -3.20 20.50
N ASP C 2 -4.83 21.29 -3.39
CA ASP C 2 -5.85 20.94 -4.38
C ASP C 2 -7.09 20.37 -3.67
N PHE C 3 -6.98 20.30 -2.35
CA PHE C 3 -7.82 19.49 -1.50
C PHE C 3 -8.96 20.24 -0.82
N GLU C 4 -10.15 19.63 -0.90
CA GLU C 4 -11.28 20.24 -0.22
C GLU C 4 -10.95 20.27 1.27
N GLU C 5 -11.34 21.36 1.89
CA GLU C 5 -11.15 21.72 3.28
C GLU C 5 -11.70 20.63 4.19
N ILE C 6 -10.91 20.11 5.13
CA ILE C 6 -11.56 19.07 5.95
C ILE C 6 -12.23 19.73 7.14
N PRO C 7 -13.12 19.02 7.81
CA PRO C 7 -13.68 19.54 9.07
C PRO C 7 -12.61 20.09 9.99
N GLU C 8 -12.83 21.28 10.54
CA GLU C 8 -11.87 21.90 11.44
C GLU C 8 -11.67 21.04 12.68
N GLU C 9 -12.67 20.23 12.98
CA GLU C 9 -12.59 19.31 14.11
C GLU C 9 -11.26 18.56 14.09
N TYS C 10 -11.03 17.78 13.05
CA TYS C 10 -9.78 16.98 12.86
CB TYS C 10 -9.78 16.31 11.48
CG TYS C 10 -11.04 15.49 11.30
CD1 TYS C 10 -11.43 14.56 12.29
CD2 TYS C 10 -11.92 15.78 10.24
CE1 TYS C 10 -12.64 13.86 12.19
CE2 TYS C 10 -13.13 15.10 10.14
CZ TYS C 10 -13.52 14.14 11.11
OH TYS C 10 -14.70 13.46 11.01
S TYS C 10 -14.66 12.09 10.31
O1 TYS C 10 -13.70 11.18 11.06
O2 TYS C 10 -15.96 11.59 10.60
O3 TYS C 10 -14.27 12.35 8.96
C TYS C 10 -8.48 17.75 13.00
O TYS C 10 -7.46 17.18 13.32
S8 1TS D . 16.14 6.20 -6.99
CL 1TS D . 16.42 2.47 -3.18
C35 1TS D . 16.59 5.76 -5.38
C10 1TS D . 17.93 5.43 -0.62
O9 1TS D . 17.49 4.54 -1.54
C5 1TS D . 17.13 4.98 -2.76
O1 1TS D . 16.64 7.29 -7.09
O10 1TS D . 16.33 5.30 -7.66
C7 1TS D . 16.97 6.67 -4.43
C3 1TS D . 16.42 4.43 -4.93
C6 1TS D . 17.29 6.30 -3.13
C4 1TS D . 16.68 4.12 -3.70
C13 1TS D . 13.21 6.75 -5.02
N11 1TS D . 14.65 6.66 -6.92
O14 1TS D . 12.56 5.90 -5.52
C15 1TS D . 14.24 9.96 -10.17
C31 1TS D . 14.69 9.04 -11.15
C32 1TS D . 14.27 9.14 -12.40
C33 1TS D . 14.72 8.25 -13.29
C44 1TS D . 15.61 7.27 -13.01
C8 1TS D . 16.06 7.16 -11.72
C9 1TS D . 15.62 8.09 -10.91
C40 1TS D . 15.93 6.50 -13.89
N63 1TS D . 16.12 5.71 -14.64
C45 1TS D . 14.24 7.50 -5.94
C12 1TS D . 13.44 8.79 -6.47
C46 1TS D . 14.13 9.58 -7.64
O22 1TS D . 15.04 10.20 -7.33
N14 1TS D . 13.74 9.37 -8.88
N15 1TS D . 13.18 7.12 -3.79
C16 1TS D . 12.12 6.71 -2.98
C17 1TS D . 10.81 7.28 -3.66
O18 1TS D . 10.70 8.39 -4.04
C34 1TS D . 12.22 7.53 -1.71
C1 1TS D . 13.47 8.34 -1.79
C2 1TS D . 13.93 8.21 -3.17
N19 1TS D . 9.75 6.42 -3.70
C20 1TS D . 8.49 6.73 -4.29
C21 1TS D . 8.31 5.82 -5.46
C26 1TS D . 7.51 4.72 -5.46
C25 1TS D . 7.36 3.92 -6.47
C24 1TS D . 7.99 4.08 -7.62
C27 1TS D . 7.84 3.21 -8.74
N29 1TS D . 7.41 2.12 -8.61
N28 1TS D . 8.11 3.62 -9.92
C23 1TS D . 8.83 5.12 -7.66
C22 1TS D . 8.96 5.93 -6.61
NA NA E . 8.84 -0.94 -16.36
NA NA F . 22.32 -4.72 -10.97
#